data_4A6F
#
_entry.id   4A6F
#
_cell.length_a   37.540
_cell.length_b   73.650
_cell.length_c   82.470
_cell.angle_alpha   90.00
_cell.angle_beta   90.00
_cell.angle_gamma   90.00
#
_symmetry.space_group_name_H-M   'P 2 21 21'
#
loop_
_entity.id
_entity.type
_entity.pdbx_description
1 polymer 'PHOSPHATIDYLINOSITOL 4,5-BISPHOSPHATE-BINDING PROTEIN SLM1'
2 polymer 'PHOSPHATIDYLINOSITOL 4,5-BISPHOSPHATE-BINDING PROTEIN SLM1'
3 non-polymer 'PHOSPHATE ION'
4 non-polymer PHOSPHOSERINE
5 water water
#
loop_
_entity_poly.entity_id
_entity_poly.type
_entity_poly.pdbx_seq_one_letter_code
_entity_poly.pdbx_strand_id
1 'polypeptide(L)'
;DHPFTEIKSGFLERRSKFLKSYSKGYYVLTPNFLHEFKTADRKKDLVPVMSLALSECTVTEHSRKNSTSSPNSTGSDAKF
VLHAKQNGIIRRGHNWVFKADSYESMMSWFDNLKILTSTS
;
A
2 'polypeptide(L)'
;DHPFTEIKSGFLERRSKFLKSYSKGYYVLTPNFLHEFKTADRKKDLVPVMSLALSECTVTEHSRKNSTSSPNSTGSDAKF
VLHAKQNGIIRRGHNYVFKADSYESMMSWFDNLKILTSTS
;
B
#
# COMPACT_ATOMS: atom_id res chain seq x y z
N PRO A 3 -14.63 -11.20 11.62
CA PRO A 3 -13.58 -10.30 11.14
C PRO A 3 -13.91 -8.83 11.34
N PHE A 4 -14.10 -8.37 12.58
CA PHE A 4 -14.48 -6.98 12.80
C PHE A 4 -13.36 -5.95 12.64
N THR A 5 -12.11 -6.36 12.58
CA THR A 5 -11.15 -5.39 12.06
C THR A 5 -11.28 -5.41 10.53
N GLU A 6 -12.52 -5.33 10.05
CA GLU A 6 -12.75 -5.33 8.61
C GLU A 6 -12.45 -3.96 8.05
N ILE A 7 -11.70 -3.95 6.95
CA ILE A 7 -11.39 -2.72 6.23
C ILE A 7 -12.45 -2.47 5.16
N LYS A 8 -12.83 -3.52 4.45
CA LYS A 8 -13.86 -3.39 3.43
C LYS A 8 -14.60 -4.71 3.28
N SER A 9 -15.86 -4.63 2.89
CA SER A 9 -16.63 -5.85 2.65
C SER A 9 -17.62 -5.59 1.55
N GLY A 10 -18.07 -6.65 0.91
CA GLY A 10 -19.06 -6.50 -0.14
C GLY A 10 -19.08 -7.71 -1.03
N PHE A 11 -20.09 -7.77 -1.91
CA PHE A 11 -20.19 -8.88 -2.84
C PHE A 11 -19.25 -8.67 -4.02
N LEU A 12 -18.57 -9.75 -4.43
CA LEU A 12 -17.73 -9.75 -5.64
C LEU A 12 -17.98 -11.05 -6.38
N GLU A 13 -17.83 -11.03 -7.70
CA GLU A 13 -17.87 -12.29 -8.46
C GLU A 13 -16.44 -12.71 -8.77
N ARG A 14 -16.15 -14.00 -8.62
CA ARG A 14 -14.81 -14.48 -8.93
C ARG A 14 -14.87 -15.48 -10.07
N ARG A 15 -13.96 -15.37 -11.03
CA ARG A 15 -13.96 -16.27 -12.18
C ARG A 15 -13.25 -17.58 -11.90
N SER A 16 -13.84 -18.69 -12.36
CA SER A 16 -13.12 -19.95 -12.43
C SER A 16 -12.58 -20.17 -13.83
N LYS A 17 -11.27 -20.33 -13.96
CA LYS A 17 -10.68 -20.63 -15.27
C LYS A 17 -11.19 -21.94 -15.88
N PHE A 18 -11.14 -23.03 -15.11
CA PHE A 18 -11.53 -24.34 -15.62
C PHE A 18 -13.02 -24.45 -15.90
N LEU A 19 -13.85 -23.86 -15.06
CA LEU A 19 -15.29 -24.04 -15.19
C LEU A 19 -15.94 -22.98 -16.08
N LYS A 20 -15.16 -21.98 -16.46
CA LYS A 20 -15.63 -20.93 -17.35
C LYS A 20 -16.92 -20.31 -16.83
N SER A 21 -16.87 -19.85 -15.58
CA SER A 21 -18.06 -19.31 -14.94
C SER A 21 -17.65 -18.38 -13.80
N TYR A 22 -18.56 -17.51 -13.40
CA TYR A 22 -18.34 -16.63 -12.24
C TYR A 22 -19.20 -17.13 -11.09
N SER A 23 -18.74 -16.91 -9.88
CA SER A 23 -19.58 -17.17 -8.71
C SER A 23 -19.45 -16.01 -7.75
N LYS A 24 -20.59 -15.54 -7.27
CA LYS A 24 -20.64 -14.40 -6.38
C LYS A 24 -20.47 -14.87 -4.93
N GLY A 25 -19.64 -14.16 -4.19
CA GLY A 25 -19.38 -14.45 -2.79
C GLY A 25 -19.38 -13.14 -2.03
N TYR A 26 -19.38 -13.23 -0.70
CA TYR A 26 -19.31 -12.03 0.12
C TYR A 26 -17.90 -11.92 0.65
N TYR A 27 -17.17 -10.88 0.25
CA TYR A 27 -15.76 -10.76 0.61
C TYR A 27 -15.52 -9.79 1.75
N VAL A 28 -14.58 -10.15 2.61
CA VAL A 28 -14.20 -9.30 3.73
C VAL A 28 -12.70 -9.13 3.69
N LEU A 29 -12.27 -7.89 3.60
CA LEU A 29 -10.86 -7.54 3.59
C LEU A 29 -10.39 -7.13 4.99
N THR A 30 -9.37 -7.80 5.50
CA THR A 30 -8.75 -7.43 6.77
C THR A 30 -7.30 -7.04 6.48
N PRO A 31 -6.54 -6.61 7.51
CA PRO A 31 -5.13 -6.32 7.22
C PRO A 31 -4.31 -7.55 6.81
N ASN A 32 -4.84 -8.75 7.05
CA ASN A 32 -4.08 -9.96 6.78
C ASN A 32 -4.57 -10.76 5.58
N PHE A 33 -5.89 -10.77 5.35
CA PHE A 33 -6.50 -11.65 4.35
C PHE A 33 -7.60 -10.98 3.54
N LEU A 34 -7.83 -11.51 2.36
CA LEU A 34 -9.10 -11.32 1.68
C LEU A 34 -9.86 -12.63 1.90
N HIS A 35 -10.92 -12.59 2.70
CA HIS A 35 -11.70 -13.78 3.00
C HIS A 35 -12.93 -13.83 2.11
N GLU A 36 -13.27 -15.03 1.63
CA GLU A 36 -14.56 -15.25 0.99
C GLU A 36 -15.51 -16.00 1.93
N PHE A 37 -16.73 -15.49 2.09
CA PHE A 37 -17.78 -16.18 2.82
C PHE A 37 -18.93 -16.41 1.86
N LYS A 38 -19.77 -17.39 2.15
CA LYS A 38 -20.90 -17.67 1.27
C LYS A 38 -21.96 -16.58 1.36
N THR A 39 -22.15 -16.01 2.54
CA THR A 39 -23.19 -15.01 2.76
C THR A 39 -22.66 -13.82 3.54
N ALA A 40 -23.48 -12.78 3.61
CA ALA A 40 -23.15 -11.58 4.36
C ALA A 40 -23.56 -11.63 5.83
N ASP A 41 -23.97 -12.81 6.31
CA ASP A 41 -24.40 -12.93 7.71
C ASP A 41 -23.21 -13.15 8.64
N ARG A 42 -22.70 -12.06 9.18
CA ARG A 42 -21.47 -12.08 9.95
C ARG A 42 -21.69 -12.71 11.33
N LYS A 43 -22.93 -13.04 11.65
CA LYS A 43 -23.23 -13.64 12.94
C LYS A 43 -23.38 -15.17 12.89
N LYS A 44 -23.77 -15.71 11.74
CA LYS A 44 -24.04 -17.15 11.62
C LYS A 44 -23.13 -17.85 10.61
N ASP A 45 -22.49 -17.07 9.75
CA ASP A 45 -21.66 -17.60 8.67
C ASP A 45 -20.22 -17.16 8.95
N LEU A 46 -19.52 -17.96 9.74
CA LEU A 46 -18.28 -17.51 10.38
C LEU A 46 -17.02 -18.15 9.82
N VAL A 47 -17.16 -19.25 9.08
CA VAL A 47 -15.96 -19.91 8.54
C VAL A 47 -15.75 -19.50 7.08
N PRO A 48 -14.60 -18.85 6.79
CA PRO A 48 -14.35 -18.49 5.40
C PRO A 48 -14.33 -19.71 4.48
N VAL A 49 -14.89 -19.56 3.28
CA VAL A 49 -14.71 -20.53 2.22
C VAL A 49 -13.24 -20.58 1.79
N MET A 50 -12.62 -19.41 1.75
CA MET A 50 -11.27 -19.23 1.25
C MET A 50 -10.66 -18.02 1.97
N SER A 51 -9.39 -18.11 2.34
CA SER A 51 -8.68 -16.97 2.90
C SER A 51 -7.38 -16.77 2.15
N LEU A 52 -7.32 -15.68 1.39
CA LEU A 52 -6.16 -15.35 0.56
C LEU A 52 -5.23 -14.42 1.33
N ALA A 53 -4.06 -14.95 1.68
CA ALA A 53 -3.05 -14.18 2.40
C ALA A 53 -2.51 -13.00 1.59
N LEU A 54 -2.72 -11.79 2.11
CA LEU A 54 -2.35 -10.57 1.39
C LEU A 54 -0.83 -10.44 1.21
N SER A 55 -0.08 -11.07 2.12
CA SER A 55 1.38 -10.94 2.11
C SER A 55 2.01 -11.48 0.82
N GLU A 56 1.29 -12.38 0.15
CA GLU A 56 1.81 -12.94 -1.10
C GLU A 56 0.87 -12.71 -2.29
N CYS A 57 0.05 -11.67 -2.21
CA CYS A 57 -0.80 -11.26 -3.33
C CYS A 57 -0.45 -9.86 -3.78
N THR A 58 -0.72 -9.57 -5.04
CA THR A 58 -0.62 -8.22 -5.56
C THR A 58 -1.81 -8.01 -6.49
N VAL A 59 -2.25 -6.76 -6.63
CA VAL A 59 -3.27 -6.49 -7.62
C VAL A 59 -2.57 -5.88 -8.80
N THR A 60 -2.81 -6.42 -9.98
CA THR A 60 -1.98 -6.05 -11.11
C THR A 60 -2.72 -5.16 -12.11
N GLU A 61 -3.70 -5.70 -12.82
CA GLU A 61 -4.43 -4.89 -13.78
C GLU A 61 -5.90 -4.79 -13.44
N HIS A 62 -6.56 -3.83 -14.05
CA HIS A 62 -7.99 -3.66 -13.89
C HIS A 62 -8.58 -3.07 -15.16
N SER A 63 -9.89 -3.17 -15.27
CA SER A 63 -10.59 -2.67 -16.45
C SER A 63 -10.35 -1.16 -16.60
N ARG A 64 -10.39 -0.70 -17.85
CA ARG A 64 -10.48 0.73 -18.10
C ARG A 64 -11.95 1.09 -18.15
N LYS A 65 -12.31 2.25 -17.62
CA LYS A 65 -13.71 2.63 -17.57
C LYS A 65 -14.29 2.70 -18.98
N ASN A 66 -15.56 2.35 -19.11
CA ASN A 66 -16.24 2.47 -20.39
C ASN A 66 -16.34 3.94 -20.79
N SER A 67 -16.19 4.22 -22.08
CA SER A 67 -16.26 5.59 -22.59
C SER A 67 -16.14 5.62 -24.12
N GLY A 75 -19.83 -4.87 -22.40
CA GLY A 75 -18.93 -5.69 -21.59
C GLY A 75 -18.57 -4.99 -20.28
N SER A 76 -18.36 -5.77 -19.23
CA SER A 76 -18.03 -5.22 -17.92
C SER A 76 -16.71 -4.47 -17.91
N ASP A 77 -16.71 -3.29 -17.29
CA ASP A 77 -15.48 -2.53 -17.02
C ASP A 77 -15.24 -2.52 -15.51
N ALA A 78 -15.60 -3.61 -14.84
CA ALA A 78 -15.55 -3.66 -13.38
C ALA A 78 -14.69 -4.82 -12.88
N LYS A 79 -13.66 -5.17 -13.63
CA LYS A 79 -12.82 -6.32 -13.29
C LYS A 79 -11.43 -5.93 -12.82
N PHE A 80 -10.83 -6.79 -12.02
CA PHE A 80 -9.43 -6.62 -11.63
C PHE A 80 -8.79 -7.99 -11.44
N VAL A 81 -7.47 -8.01 -11.53
CA VAL A 81 -6.69 -9.24 -11.35
C VAL A 81 -5.93 -9.22 -10.04
N LEU A 82 -6.05 -10.32 -9.31
CA LEU A 82 -5.29 -10.52 -8.08
C LEU A 82 -4.30 -11.64 -8.36
N HIS A 83 -3.02 -11.33 -8.20
CA HIS A 83 -1.94 -12.24 -8.56
C HIS A 83 -1.28 -12.85 -7.32
N ALA A 84 -0.85 -14.10 -7.45
CA ALA A 84 -0.29 -14.85 -6.33
C ALA A 84 1.19 -15.20 -6.52
N LYS A 85 1.94 -15.39 -5.45
CA LYS A 85 3.30 -15.89 -5.55
C LYS A 85 3.40 -17.09 -4.63
N GLN A 86 3.32 -18.31 -5.17
CA GLN A 86 3.18 -19.51 -4.32
C GLN A 86 1.89 -19.20 -3.72
N ARG A 92 1.69 -20.21 -7.49
CA ARG A 92 2.73 -19.23 -7.84
C ARG A 92 2.49 -18.95 -9.33
N GLY A 93 2.12 -17.76 -9.75
CA GLY A 93 1.83 -17.45 -11.15
C GLY A 93 0.36 -17.44 -11.48
N HIS A 94 -0.43 -17.75 -10.47
CA HIS A 94 -1.87 -17.71 -10.24
C HIS A 94 -2.38 -16.29 -10.48
N ASN A 95 -3.51 -16.18 -11.16
CA ASN A 95 -4.13 -14.89 -11.44
C ASN A 95 -5.65 -14.95 -11.36
N TRP A 96 -6.22 -14.63 -10.20
CA TRP A 96 -7.68 -14.65 -10.05
C TRP A 96 -8.28 -13.39 -10.66
N VAL A 97 -9.34 -13.55 -11.44
CA VAL A 97 -10.11 -12.41 -11.94
C VAL A 97 -11.39 -12.17 -11.13
N PHE A 98 -11.53 -10.95 -10.64
CA PHE A 98 -12.72 -10.57 -9.89
C PHE A 98 -13.54 -9.56 -10.68
N LYS A 99 -14.84 -9.57 -10.44
CA LYS A 99 -15.75 -8.62 -11.08
C LYS A 99 -16.66 -7.99 -10.03
N ALA A 100 -16.65 -6.67 -9.98
CA ALA A 100 -17.46 -5.92 -9.02
C ALA A 100 -18.71 -5.44 -9.75
N ASP A 101 -19.58 -4.73 -9.03
CA ASP A 101 -20.84 -4.23 -9.59
C ASP A 101 -20.66 -3.06 -10.56
N SER A 102 -19.58 -2.31 -10.41
CA SER A 102 -19.31 -1.16 -11.26
C SER A 102 -17.81 -0.86 -11.29
N TYR A 103 -17.39 0.01 -12.21
CA TYR A 103 -16.00 0.48 -12.25
C TYR A 103 -15.63 1.12 -10.92
N GLU A 104 -16.55 1.93 -10.40
CA GLU A 104 -16.34 2.64 -9.13
C GLU A 104 -16.10 1.68 -7.97
N SER A 105 -16.96 0.67 -7.83
CA SER A 105 -16.79 -0.32 -6.79
C SER A 105 -15.50 -1.12 -7.00
N MET A 106 -15.22 -1.45 -8.26
CA MET A 106 -13.99 -2.18 -8.57
C MET A 106 -12.76 -1.39 -8.12
N MET A 107 -12.78 -0.09 -8.37
CA MET A 107 -11.62 0.74 -8.02
C MET A 107 -11.41 0.85 -6.51
N SER A 108 -12.50 0.88 -5.74
CA SER A 108 -12.39 0.84 -4.29
C SER A 108 -11.72 -0.44 -3.81
N TRP A 109 -12.14 -1.58 -4.35
CA TRP A 109 -11.49 -2.83 -4.00
C TRP A 109 -10.01 -2.79 -4.40
N PHE A 110 -9.77 -2.37 -5.63
CA PHE A 110 -8.43 -2.39 -6.18
C PHE A 110 -7.51 -1.55 -5.30
N ASP A 111 -7.93 -0.33 -5.02
CA ASP A 111 -7.09 0.59 -4.25
C ASP A 111 -6.89 0.15 -2.79
N ASN A 112 -7.93 -0.37 -2.18
CA ASN A 112 -7.79 -0.89 -0.83
C ASN A 112 -6.86 -2.11 -0.74
N LEU A 113 -6.92 -2.97 -1.75
CA LEU A 113 -6.03 -4.12 -1.81
C LEU A 113 -4.60 -3.68 -2.05
N LYS A 114 -4.45 -2.71 -2.95
CA LYS A 114 -3.13 -2.20 -3.34
C LYS A 114 -2.32 -1.73 -2.14
N ILE A 115 -2.95 -0.96 -1.25
CA ILE A 115 -2.20 -0.42 -0.11
C ILE A 115 -1.89 -1.45 0.97
N LEU A 116 -2.56 -2.60 0.91
CA LEU A 116 -2.28 -3.68 1.85
C LEU A 116 -1.34 -4.72 1.25
N THR A 117 -0.91 -4.50 0.01
CA THR A 117 -0.10 -5.50 -0.69
C THR A 117 1.15 -4.92 -1.33
N SER A 118 1.63 -3.79 -0.82
CA SER A 118 2.76 -3.09 -1.43
C SER A 118 4.10 -3.80 -1.23
N THR A 119 4.22 -4.58 -0.16
CA THR A 119 5.47 -5.25 0.15
C THR A 119 5.72 -6.46 -0.74
N PHE B 4 2.84 -3.61 12.40
CA PHE B 4 2.16 -3.60 13.70
C PHE B 4 0.75 -2.99 13.72
N THR B 5 0.11 -2.75 12.56
CA THR B 5 0.55 -3.12 11.23
C THR B 5 1.39 -2.02 10.56
N GLU B 6 2.60 -2.39 10.16
CA GLU B 6 3.48 -1.45 9.49
C GLU B 6 4.05 -2.09 8.22
N ILE B 7 4.32 -1.25 7.24
CA ILE B 7 4.89 -1.73 6.00
C ILE B 7 6.42 -1.67 6.12
N LYS B 8 6.91 -0.59 6.70
CA LYS B 8 8.35 -0.46 6.91
C LYS B 8 8.62 0.50 8.05
N SER B 9 9.75 0.28 8.73
CA SER B 9 10.17 1.18 9.79
C SER B 9 11.69 1.26 9.81
N GLY B 10 12.21 2.41 10.17
CA GLY B 10 13.65 2.60 10.24
C GLY B 10 14.03 4.06 10.32
N PHE B 11 15.33 4.32 10.48
CA PHE B 11 15.82 5.68 10.56
C PHE B 11 15.99 6.31 9.19
N LEU B 12 15.51 7.54 9.06
CA LEU B 12 15.74 8.37 7.88
C LEU B 12 16.21 9.74 8.32
N GLU B 13 16.98 10.39 7.46
CA GLU B 13 17.34 11.78 7.70
C GLU B 13 16.54 12.63 6.73
N ARG B 14 16.02 13.75 7.20
CA ARG B 14 15.21 14.60 6.35
C ARG B 14 15.89 15.94 6.20
N ARG B 15 15.91 16.46 4.97
CA ARG B 15 16.64 17.70 4.70
C ARG B 15 15.82 18.94 5.01
N SER B 16 16.47 19.96 5.54
CA SER B 16 15.85 21.27 5.64
C SER B 16 16.21 22.02 4.37
N LYS B 17 15.18 22.49 3.66
CA LYS B 17 15.37 23.30 2.47
C LYS B 17 16.29 24.47 2.78
N PHE B 18 15.87 25.30 3.72
CA PHE B 18 16.55 26.56 3.99
C PHE B 18 17.88 26.41 4.72
N LEU B 19 18.00 25.43 5.61
CA LEU B 19 19.20 25.30 6.42
C LEU B 19 20.28 24.42 5.79
N LYS B 20 19.95 23.75 4.69
CA LYS B 20 20.92 22.88 4.04
C LYS B 20 21.56 21.91 5.03
N SER B 21 20.74 21.36 5.92
CA SER B 21 21.20 20.35 6.86
C SER B 21 20.13 19.26 7.00
N TYR B 22 20.50 18.14 7.63
CA TYR B 22 19.56 17.04 7.84
C TYR B 22 19.25 16.84 9.31
N SER B 23 18.04 16.37 9.59
CA SER B 23 17.72 15.92 10.94
C SER B 23 17.24 14.49 10.87
N LYS B 24 17.61 13.69 11.86
CA LYS B 24 17.31 12.26 11.82
C LYS B 24 16.12 11.91 12.70
N GLY B 25 15.27 11.01 12.21
CA GLY B 25 14.16 10.52 13.00
C GLY B 25 13.95 9.05 12.74
N TYR B 26 13.06 8.44 13.52
CA TYR B 26 12.67 7.06 13.30
C TYR B 26 11.31 7.09 12.63
N TYR B 27 11.22 6.50 11.45
CA TYR B 27 10.00 6.60 10.67
C TYR B 27 9.28 5.27 10.59
N VAL B 28 7.96 5.34 10.59
CA VAL B 28 7.11 4.17 10.42
C VAL B 28 6.14 4.44 9.27
N LEU B 29 6.21 3.59 8.24
CA LEU B 29 5.32 3.66 7.11
C LEU B 29 4.18 2.67 7.29
N THR B 30 2.95 3.18 7.23
CA THR B 30 1.79 2.32 7.32
C THR B 30 1.07 2.43 5.99
N PRO B 31 0.00 1.64 5.80
CA PRO B 31 -0.73 1.80 4.53
C PRO B 31 -1.28 3.22 4.36
N ASN B 32 -1.37 3.98 5.45
CA ASN B 32 -2.03 5.29 5.45
C ASN B 32 -1.12 6.51 5.61
N PHE B 33 -0.02 6.34 6.34
CA PHE B 33 0.79 7.47 6.78
C PHE B 33 2.28 7.17 6.75
N LEU B 34 3.07 8.22 6.59
CA LEU B 34 4.48 8.18 6.98
C LEU B 34 4.56 8.92 8.31
N HIS B 35 4.76 8.18 9.40
CA HIS B 35 4.85 8.77 10.72
C HIS B 35 6.31 9.00 11.11
N GLU B 36 6.59 10.14 11.73
CA GLU B 36 7.91 10.38 12.31
C GLU B 36 7.87 10.27 13.83
N PHE B 37 8.81 9.53 14.40
CA PHE B 37 8.99 9.48 15.85
C PHE B 37 10.42 9.93 16.21
N LYS B 38 10.61 10.39 17.44
CA LYS B 38 11.93 10.79 17.89
C LYS B 38 12.86 9.58 18.09
N THR B 39 12.29 8.47 18.53
CA THR B 39 13.09 7.26 18.81
C THR B 39 12.45 5.99 18.28
N ALA B 40 13.21 4.90 18.39
CA ALA B 40 12.74 3.60 17.94
C ALA B 40 12.04 2.78 19.03
N ASP B 41 11.78 3.39 20.19
CA ASP B 41 11.16 2.64 21.29
C ASP B 41 9.65 2.61 21.12
N ARG B 42 9.15 1.55 20.52
CA ARG B 42 7.73 1.45 20.20
C ARG B 42 6.87 1.23 21.45
N LYS B 43 7.52 1.03 22.59
CA LYS B 43 6.80 0.79 23.84
C LYS B 43 6.54 2.07 24.62
N LYS B 44 7.44 3.04 24.48
CA LYS B 44 7.39 4.25 25.29
C LYS B 44 7.30 5.54 24.46
N ASP B 45 7.59 5.45 23.17
CA ASP B 45 7.59 6.62 22.32
C ASP B 45 6.49 6.44 21.29
N LEU B 46 5.29 6.90 21.62
CA LEU B 46 4.11 6.49 20.87
C LEU B 46 3.34 7.59 20.18
N VAL B 47 3.76 8.84 20.35
CA VAL B 47 3.10 9.96 19.70
C VAL B 47 3.96 10.44 18.53
N PRO B 48 3.43 10.31 17.30
CA PRO B 48 4.24 10.80 16.18
C PRO B 48 4.51 12.29 16.34
N VAL B 49 5.72 12.73 16.02
CA VAL B 49 5.97 14.17 15.96
C VAL B 49 5.24 14.74 14.75
N MET B 50 5.06 13.92 13.73
CA MET B 50 4.39 14.32 12.50
C MET B 50 3.86 13.08 11.79
N SER B 51 2.69 13.20 11.18
CA SER B 51 2.13 12.15 10.35
C SER B 51 1.78 12.72 8.99
N LEU B 52 2.41 12.21 7.94
CA LEU B 52 2.14 12.67 6.57
C LEU B 52 1.19 11.71 5.88
N ALA B 53 0.02 12.20 5.48
CA ALA B 53 -0.96 11.33 4.84
C ALA B 53 -0.51 10.97 3.42
N LEU B 54 -0.42 9.67 3.15
CA LEU B 54 0.06 9.17 1.87
C LEU B 54 -0.89 9.52 0.72
N SER B 55 -2.16 9.71 1.04
CA SER B 55 -3.16 9.99 0.02
C SER B 55 -2.82 11.26 -0.78
N GLU B 56 -2.12 12.20 -0.14
CA GLU B 56 -1.77 13.43 -0.84
C GLU B 56 -0.26 13.65 -1.04
N CYS B 57 0.47 12.54 -1.11
CA CYS B 57 1.91 12.55 -1.42
C CYS B 57 2.18 11.78 -2.70
N THR B 58 3.35 12.02 -3.28
CA THR B 58 3.86 11.17 -4.36
C THR B 58 5.36 11.08 -4.18
N VAL B 59 5.97 9.96 -4.56
CA VAL B 59 7.43 9.92 -4.60
C VAL B 59 7.89 10.09 -6.03
N THR B 60 8.82 11.00 -6.23
CA THR B 60 9.17 11.40 -7.58
C THR B 60 10.51 10.80 -7.93
N GLU B 61 11.60 11.49 -7.58
CA GLU B 61 12.89 10.96 -7.95
C GLU B 61 13.60 10.27 -6.81
N HIS B 62 14.61 9.49 -7.16
CA HIS B 62 15.47 8.86 -6.17
C HIS B 62 16.84 8.71 -6.79
N SER B 63 17.84 8.58 -5.93
CA SER B 63 19.21 8.42 -6.39
C SER B 63 19.36 7.11 -7.16
N ARG B 64 20.36 7.07 -8.03
CA ARG B 64 20.76 5.80 -8.64
C ARG B 64 21.92 5.25 -7.82
N LYS B 65 22.18 3.96 -7.94
CA LYS B 65 23.29 3.39 -7.20
C LYS B 65 24.60 4.13 -7.50
N ASN B 66 24.71 4.69 -8.70
CA ASN B 66 25.91 5.43 -9.10
C ASN B 66 25.84 6.97 -8.92
N SER B 67 24.77 7.47 -8.32
CA SER B 67 24.67 8.92 -8.11
C SER B 67 25.82 9.42 -7.25
N THR B 68 26.39 10.56 -7.63
CA THR B 68 27.57 11.08 -6.95
C THR B 68 27.40 12.49 -6.41
N SER B 69 28.09 12.75 -5.31
CA SER B 69 28.15 14.04 -4.63
C SER B 69 27.02 14.99 -4.99
N SER B 73 28.46 14.39 -0.39
CA SER B 73 29.25 14.00 0.76
C SER B 73 28.72 12.70 1.33
N THR B 74 27.65 12.65 2.14
CA THR B 74 27.17 11.31 2.50
C THR B 74 25.87 10.92 1.82
N GLY B 75 25.67 9.63 1.64
CA GLY B 75 24.42 9.11 1.10
C GLY B 75 23.96 9.64 -0.24
N SER B 76 24.90 9.95 -1.13
CA SER B 76 24.52 10.45 -2.45
C SER B 76 23.77 9.39 -3.25
N ASP B 77 23.88 8.13 -2.85
CA ASP B 77 23.18 7.06 -3.54
C ASP B 77 21.95 6.60 -2.74
N ALA B 78 21.53 7.38 -1.76
CA ALA B 78 20.52 6.91 -0.84
C ALA B 78 19.38 7.90 -0.58
N LYS B 79 19.13 8.79 -1.52
CA LYS B 79 18.11 9.82 -1.34
C LYS B 79 16.86 9.60 -2.20
N PHE B 80 15.74 10.11 -1.70
CA PHE B 80 14.52 10.15 -2.49
C PHE B 80 13.73 11.40 -2.14
N VAL B 81 12.83 11.78 -3.05
CA VAL B 81 12.04 12.99 -2.89
C VAL B 81 10.59 12.61 -2.67
N LEU B 82 10.00 13.14 -1.62
CA LEU B 82 8.57 12.95 -1.38
C LEU B 82 7.88 14.28 -1.65
N HIS B 83 6.92 14.26 -2.58
CA HIS B 83 6.23 15.46 -3.06
C HIS B 83 4.81 15.55 -2.48
N ALA B 84 4.41 16.76 -2.08
CA ALA B 84 3.06 16.99 -1.57
C ALA B 84 2.10 17.38 -2.68
N LYS B 85 0.87 16.84 -2.64
CA LYS B 85 -0.12 17.14 -3.65
C LYS B 85 -1.23 18.05 -3.13
N GLN B 86 -1.24 18.29 -1.83
CA GLN B 86 -2.25 19.14 -1.21
C GLN B 86 -1.68 19.99 -0.08
N ASN B 87 -2.40 21.05 0.28
CA ASN B 87 -1.98 21.95 1.35
C ASN B 87 -2.41 21.44 2.72
N ILE B 89 0.60 19.94 4.75
CA ILE B 89 1.90 20.60 4.65
C ILE B 89 2.14 21.18 3.25
N ILE B 90 1.77 22.44 3.08
CA ILE B 90 1.90 23.16 1.81
C ILE B 90 1.65 22.27 0.58
N GLY B 93 3.07 22.33 -3.99
CA GLY B 93 3.67 21.12 -3.49
C GLY B 93 5.15 21.26 -3.23
N HIS B 94 5.51 21.52 -1.97
CA HIS B 94 6.92 21.59 -1.59
C HIS B 94 7.46 20.21 -1.27
N ASN B 95 8.64 19.92 -1.80
CA ASN B 95 9.22 18.58 -1.74
C ASN B 95 10.08 18.35 -0.49
N TYR B 96 10.00 17.14 0.05
CA TYR B 96 10.88 16.73 1.13
C TYR B 96 11.95 15.80 0.58
N VAL B 97 13.19 16.05 0.95
CA VAL B 97 14.26 15.16 0.54
C VAL B 97 14.63 14.29 1.74
N PHE B 98 14.59 12.97 1.55
CA PHE B 98 14.99 12.05 2.60
C PHE B 98 16.26 11.31 2.20
N LYS B 99 17.04 10.92 3.20
CA LYS B 99 18.29 10.20 2.98
C LYS B 99 18.30 8.96 3.86
N ALA B 100 18.44 7.80 3.23
CA ALA B 100 18.53 6.55 3.98
C ALA B 100 19.99 6.16 4.20
N ASP B 101 20.20 4.97 4.78
CA ASP B 101 21.56 4.53 5.09
C ASP B 101 22.30 3.94 3.88
N SER B 102 21.55 3.50 2.88
CA SER B 102 22.14 2.86 1.71
C SER B 102 21.20 2.97 0.54
N TYR B 103 21.73 2.71 -0.66
CA TYR B 103 20.91 2.59 -1.86
C TYR B 103 19.81 1.55 -1.65
N GLU B 104 20.19 0.37 -1.14
CA GLU B 104 19.26 -0.72 -0.95
C GLU B 104 18.13 -0.34 -0.01
N SER B 105 18.47 0.33 1.09
CA SER B 105 17.48 0.78 2.04
C SER B 105 16.58 1.83 1.41
N MET B 106 17.20 2.80 0.73
CA MET B 106 16.43 3.82 0.04
C MET B 106 15.41 3.21 -0.91
N MET B 107 15.82 2.18 -1.65
CA MET B 107 14.93 1.59 -2.66
C MET B 107 13.75 0.88 -2.03
N SER B 108 13.98 0.30 -0.86
CA SER B 108 12.90 -0.32 -0.10
C SER B 108 11.85 0.73 0.28
N TRP B 109 12.29 1.85 0.86
CA TRP B 109 11.38 2.95 1.12
C TRP B 109 10.68 3.40 -0.16
N PHE B 110 11.46 3.68 -1.21
CA PHE B 110 10.89 4.24 -2.42
C PHE B 110 9.87 3.29 -3.07
N ASP B 111 10.23 2.03 -3.21
CA ASP B 111 9.36 1.05 -3.88
C ASP B 111 8.02 0.92 -3.16
N ASN B 112 8.04 0.93 -1.84
CA ASN B 112 6.80 0.89 -1.09
C ASN B 112 6.00 2.18 -1.26
N LEU B 113 6.65 3.32 -1.10
CA LEU B 113 5.98 4.60 -1.25
C LEU B 113 5.38 4.78 -2.64
N LYS B 114 6.05 4.27 -3.65
CA LYS B 114 5.58 4.43 -5.02
C LYS B 114 4.24 3.74 -5.21
N ILE B 115 4.09 2.53 -4.67
CA ILE B 115 2.81 1.83 -4.82
C ILE B 115 1.72 2.47 -3.94
N LEU B 116 2.09 2.87 -2.73
CA LEU B 116 1.13 3.46 -1.80
C LEU B 116 0.59 4.80 -2.29
N THR B 117 1.35 5.50 -3.13
CA THR B 117 0.99 6.83 -3.55
C THR B 117 0.64 6.87 -5.04
N SER B 118 0.73 5.72 -5.69
CA SER B 118 0.50 5.63 -7.13
C SER B 118 -0.96 5.84 -7.50
N THR B 119 -1.22 5.96 -8.80
CA THR B 119 -2.57 6.21 -9.30
C THR B 119 -2.93 5.19 -10.38
#